data_6ETJ
#
_entry.id   6ETJ
#
_cell.length_a   103.774
_cell.length_b   103.774
_cell.length_c   259.563
_cell.angle_alpha   90.000
_cell.angle_beta   90.000
_cell.angle_gamma   120.000
#
_symmetry.space_group_name_H-M   'P 65 2 2'
#
loop_
_entity.id
_entity.type
_entity.pdbx_description
1 polymer '6-phosphofructo-2-kinase/fructose-2,6-bisphosphatase 3'
2 non-polymer 'DIMETHYL SULFOXIDE'
3 non-polymer 6-O-phosphono-beta-D-fructofuranose
4 non-polymer '4-[[3-(5-fluoranyl-2-oxidanyl-phenyl)phenyl]sulfonylamino]-2-oxidanyl-benzoic acid'
5 non-polymer "ADENOSINE-5'-DIPHOSPHATE"
6 water water
#
_entity_poly.entity_id   1
_entity_poly.type   'polypeptide(L)'
_entity_poly.pdbx_seq_one_letter_code
;MPLELTQSRVQKIWVPVDHRPSLPRSCGPKLTNSPTVIVMVGLPARGKTYISKKLTRYLNWIGVPTKVFNVGEYRREAVK
QYSSYNFFRPDNEEAMKVRKQCALAALRDVKSYLAKEGGQIAVFDATNTTRERRHMILHFAKENDFKAFFIESVCDDPTV
VASNIMEVKISSPDYKDCNSAEAMDDFMKRISCYEASYQPLDPDKCDRDLSLIKVIDVGRRFLVNRVQDHIQSRIVYYLM
NIHVQPRTIYLCR(NEP)GENEHNLQGRIGGDSGLSSRGKKFASALSKFVEEQNLKDLRVWTSQLKSTIQTAEALRLPYE
QWKALNEIDAGVCEELTYEEIRDTYPEEYALREQDKYYYRYPTGESYQDLVQRLEPVIMELERQENVLVICHQAVLRCLL
AYFLDKSAEEMPYLKCPLHTVLKLTPVAYGCRVESIYLNVESVCTHRERSEDAKKGPNPLMRRNSVTPLASPEPTKKPRI
NSFEEHVASTSAALPSCLPPEVPTQLPGQNMKGSRSSADSSRKH
;
_entity_poly.pdbx_strand_id   A
#
loop_
_chem_comp.id
_chem_comp.type
_chem_comp.name
_chem_comp.formula
ADP non-polymer ADENOSINE-5'-DIPHOSPHATE 'C10 H15 N5 O10 P2'
BWW non-polymer '4-[[3-(5-fluoranyl-2-oxidanyl-phenyl)phenyl]sulfonylamino]-2-oxidanyl-benzoic acid' 'C19 H14 F N O6 S'
DMS non-polymer 'DIMETHYL SULFOXIDE' 'C2 H6 O S'
F6P D-saccharide, beta linking 6-O-phosphono-beta-D-fructofuranose 'C6 H13 O9 P'
#
# COMPACT_ATOMS: atom_id res chain seq x y z
N GLU A 4 12.74 -38.70 -0.15
CA GLU A 4 11.79 -38.35 0.95
C GLU A 4 11.40 -36.84 0.97
N LEU A 5 12.30 -35.96 0.55
CA LEU A 5 11.93 -34.54 0.36
C LEU A 5 12.09 -34.21 -1.09
N THR A 6 11.13 -33.49 -1.65
CA THR A 6 11.23 -33.03 -3.04
C THR A 6 11.21 -31.50 -3.18
N GLN A 7 11.93 -30.96 -4.16
CA GLN A 7 11.93 -29.51 -4.37
C GLN A 7 10.79 -29.01 -5.30
N SER A 8 9.82 -28.25 -4.76
CA SER A 8 8.70 -27.72 -5.58
C SER A 8 9.25 -26.97 -6.80
N ARG A 9 8.72 -27.25 -7.99
CA ARG A 9 9.38 -26.82 -9.22
C ARG A 9 9.35 -25.33 -9.55
N VAL A 10 8.28 -24.65 -9.15
CA VAL A 10 8.15 -23.21 -9.35
C VAL A 10 8.86 -22.37 -8.26
N GLN A 11 8.41 -22.54 -7.01
CA GLN A 11 8.92 -21.78 -5.87
C GLN A 11 10.24 -22.32 -5.28
N LYS A 12 10.69 -23.50 -5.75
CA LYS A 12 11.92 -24.13 -5.26
C LYS A 12 11.99 -24.41 -3.75
N ILE A 13 10.84 -24.63 -3.11
CA ILE A 13 10.77 -24.98 -1.70
C ILE A 13 10.84 -26.53 -1.49
N TRP A 14 11.63 -26.99 -0.52
CA TRP A 14 11.73 -28.43 -0.18
C TRP A 14 10.54 -28.83 0.62
N VAL A 15 9.81 -29.80 0.10
CA VAL A 15 8.65 -30.35 0.81
C VAL A 15 8.72 -31.90 0.82
N PRO A 16 8.12 -32.52 1.84
CA PRO A 16 8.07 -33.99 1.88
C PRO A 16 7.30 -34.55 0.66
N VAL A 17 7.78 -35.66 0.09
CA VAL A 17 7.07 -36.32 -1.01
C VAL A 17 5.79 -36.86 -0.40
N ASP A 18 4.69 -36.73 -1.12
CA ASP A 18 3.39 -37.17 -0.63
C ASP A 18 2.83 -38.25 -1.58
N HIS A 19 2.95 -39.50 -1.13
CA HIS A 19 2.55 -40.68 -1.88
C HIS A 19 1.08 -41.06 -1.72
N ARG A 20 0.38 -40.35 -0.85
CA ARG A 20 -1.03 -40.61 -0.66
C ARG A 20 -1.82 -39.26 -0.70
N PRO A 21 -1.78 -38.54 -1.85
CA PRO A 21 -2.38 -37.17 -1.88
C PRO A 21 -3.91 -37.16 -2.00
N SER A 22 -4.52 -38.36 -1.85
CA SER A 22 -5.96 -38.61 -2.01
C SER A 22 -6.86 -38.50 -0.78
N LEU A 23 -6.30 -38.38 0.44
CA LEU A 23 -7.03 -37.60 1.48
C LEU A 23 -6.26 -36.34 1.82
N SER A 34 -5.36 -17.36 11.77
CA SER A 34 -6.49 -17.05 12.66
C SER A 34 -6.93 -15.58 12.51
N PRO A 35 -8.03 -15.34 11.76
CA PRO A 35 -8.28 -14.07 11.08
C PRO A 35 -8.63 -12.92 11.99
N THR A 36 -8.42 -11.70 11.48
CA THR A 36 -8.58 -10.48 12.27
C THR A 36 -9.53 -9.43 11.67
N VAL A 37 -10.34 -8.86 12.54
CA VAL A 37 -11.15 -7.70 12.23
C VAL A 37 -10.45 -6.45 12.80
N ILE A 38 -10.08 -5.57 11.89
CA ILE A 38 -9.60 -4.27 12.30
C ILE A 38 -10.81 -3.36 12.39
N VAL A 39 -11.03 -2.79 13.56
CA VAL A 39 -12.15 -1.89 13.77
C VAL A 39 -11.72 -0.42 13.78
N MET A 40 -12.16 0.34 12.77
CA MET A 40 -11.91 1.79 12.77
C MET A 40 -12.81 2.48 13.80
N VAL A 41 -12.31 3.53 14.44
CA VAL A 41 -13.07 4.28 15.46
C VAL A 41 -12.76 5.76 15.30
N GLY A 42 -13.81 6.60 15.26
CA GLY A 42 -13.62 8.05 15.29
C GLY A 42 -14.63 8.89 14.55
N LEU A 43 -14.67 10.19 14.88
CA LEU A 43 -15.62 11.11 14.25
C LEU A 43 -15.34 11.19 12.76
N PRO A 44 -16.31 11.68 11.95
CA PRO A 44 -16.01 11.82 10.51
C PRO A 44 -14.89 12.83 10.23
N ALA A 45 -14.26 12.69 9.05
CA ALA A 45 -13.16 13.55 8.61
C ALA A 45 -11.92 13.40 9.52
N ARG A 46 -11.79 12.24 10.16
CA ARG A 46 -10.62 11.98 11.00
C ARG A 46 -9.57 11.12 10.27
N GLY A 47 -9.80 10.86 8.98
CA GLY A 47 -8.83 10.07 8.21
C GLY A 47 -8.98 8.55 8.29
N LYS A 48 -10.14 8.09 8.78
CA LYS A 48 -10.39 6.67 9.01
C LYS A 48 -10.33 5.86 7.72
N THR A 49 -10.90 6.41 6.65
CA THR A 49 -10.97 5.72 5.36
C THR A 49 -9.59 5.78 4.72
N TYR A 50 -8.96 6.94 4.82
CA TYR A 50 -7.59 7.10 4.41
C TYR A 50 -6.73 5.98 4.98
N ILE A 51 -6.83 5.78 6.30
CA ILE A 51 -6.04 4.75 6.99
C ILE A 51 -6.45 3.36 6.54
N SER A 52 -7.76 3.13 6.44
CA SER A 52 -8.28 1.86 5.94
C SER A 52 -7.66 1.50 4.60
N LYS A 53 -7.75 2.42 3.63
CA LYS A 53 -7.33 2.11 2.28
C LYS A 53 -5.84 1.91 2.23
N LYS A 54 -5.09 2.75 2.95
CA LYS A 54 -3.64 2.68 2.94
C LYS A 54 -3.10 1.41 3.65
N LEU A 55 -3.59 1.11 4.85
CA LEU A 55 -3.16 -0.08 5.57
C LEU A 55 -3.42 -1.34 4.71
N THR A 56 -4.59 -1.39 4.08
CA THR A 56 -5.03 -2.49 3.27
C THR A 56 -4.14 -2.64 2.08
N ARG A 57 -3.66 -1.51 1.56
CA ARG A 57 -2.71 -1.50 0.43
C ARG A 57 -1.37 -2.15 0.84
N TYR A 58 -0.90 -1.79 2.02
CA TYR A 58 0.33 -2.33 2.57
C TYR A 58 0.18 -3.82 2.81
N LEU A 59 -0.88 -4.19 3.55
CA LEU A 59 -1.11 -5.59 3.91
C LEU A 59 -1.23 -6.51 2.66
N ASN A 60 -1.98 -6.09 1.66
CA ASN A 60 -2.07 -6.89 0.45
C ASN A 60 -0.71 -6.99 -0.24
N TRP A 61 0.00 -5.87 -0.29
CA TRP A 61 1.32 -5.88 -0.93
C TRP A 61 2.29 -6.84 -0.24
N ILE A 62 2.29 -6.91 1.10
CA ILE A 62 3.19 -7.84 1.75
C ILE A 62 2.69 -9.25 1.68
N GLY A 63 1.51 -9.47 1.12
CA GLY A 63 0.94 -10.81 0.98
C GLY A 63 -0.12 -11.20 2.02
N VAL A 64 -0.60 -10.29 2.86
CA VAL A 64 -1.68 -10.66 3.75
C VAL A 64 -3.03 -10.23 3.14
N PRO A 65 -3.84 -11.18 2.64
CA PRO A 65 -5.08 -10.78 1.92
C PRO A 65 -6.02 -9.99 2.81
N THR A 66 -6.35 -8.78 2.38
CA THR A 66 -7.07 -7.84 3.23
C THR A 66 -8.14 -7.09 2.48
N LYS A 67 -9.25 -6.80 3.16
CA LYS A 67 -10.38 -6.13 2.54
C LYS A 67 -11.09 -5.13 3.46
N VAL A 68 -11.41 -3.98 2.86
CA VAL A 68 -12.12 -2.87 3.50
C VAL A 68 -13.66 -3.04 3.39
N PHE A 69 -14.35 -2.87 4.50
CA PHE A 69 -15.81 -2.85 4.52
C PHE A 69 -16.25 -1.51 5.08
N ASN A 70 -16.69 -0.65 4.16
CA ASN A 70 -17.04 0.72 4.48
C ASN A 70 -18.55 0.86 4.65
N VAL A 71 -19.01 1.12 5.86
CA VAL A 71 -20.43 1.18 6.13
C VAL A 71 -21.16 2.24 5.26
N GLY A 72 -20.52 3.38 5.04
CA GLY A 72 -21.07 4.43 4.19
C GLY A 72 -21.31 3.97 2.76
N GLU A 73 -20.44 3.13 2.23
CA GLU A 73 -20.63 2.62 0.87
C GLU A 73 -21.90 1.76 0.82
N TYR A 74 -22.22 1.07 1.91
CA TYR A 74 -23.42 0.28 2.00
C TYR A 74 -24.66 1.19 2.09
N ARG A 75 -24.51 2.32 2.78
CA ARG A 75 -25.61 3.23 2.97
C ARG A 75 -25.96 3.89 1.65
N ARG A 76 -24.94 4.27 0.88
CA ARG A 76 -25.14 4.87 -0.43
C ARG A 76 -25.72 3.84 -1.40
N GLU A 77 -25.55 2.57 -1.11
CA GLU A 77 -26.12 1.54 -1.92
C GLU A 77 -27.61 1.38 -1.60
N ALA A 78 -27.95 1.51 -0.32
CA ALA A 78 -29.32 1.28 0.19
C ALA A 78 -30.26 2.53 0.13
N VAL A 79 -29.66 3.70 -0.08
CA VAL A 79 -30.34 4.97 -0.11
C VAL A 79 -29.75 5.73 -1.29
N LYS A 80 -30.49 5.79 -2.39
CA LYS A 80 -29.99 6.34 -3.66
C LYS A 80 -29.32 7.73 -3.60
N GLN A 81 -30.08 8.80 -3.41
CA GLN A 81 -29.44 10.10 -3.23
C GLN A 81 -29.37 10.50 -1.75
N TYR A 82 -28.26 11.16 -1.42
CA TYR A 82 -28.03 11.75 -0.12
C TYR A 82 -28.71 13.10 -0.13
N SER A 83 -29.49 13.37 0.91
CA SER A 83 -30.17 14.66 1.06
C SER A 83 -29.33 15.65 1.90
N SER A 84 -29.17 15.37 3.20
CA SER A 84 -28.39 16.23 4.10
C SER A 84 -28.13 15.57 5.44
N TYR A 85 -27.50 16.33 6.33
CA TYR A 85 -27.10 15.88 7.65
C TYR A 85 -28.30 15.48 8.51
N ASN A 86 -29.49 15.84 8.04
CA ASN A 86 -30.68 15.43 8.77
C ASN A 86 -30.72 13.92 8.78
N PHE A 87 -30.08 13.32 7.75
CA PHE A 87 -29.99 11.88 7.65
C PHE A 87 -29.24 11.31 8.86
N PHE A 88 -28.27 12.07 9.35
CA PHE A 88 -27.46 11.60 10.46
C PHE A 88 -27.94 12.00 11.86
N ARG A 89 -29.06 12.72 11.96
CA ARG A 89 -29.57 13.14 13.29
C ARG A 89 -29.84 11.92 14.18
N PRO A 90 -29.45 12.03 15.47
CA PRO A 90 -29.73 10.93 16.42
C PRO A 90 -31.24 10.70 16.64
N ASP A 91 -32.05 11.74 16.37
CA ASP A 91 -33.52 11.64 16.54
C ASP A 91 -34.27 11.15 15.28
N ASN A 92 -33.52 10.83 14.22
CA ASN A 92 -34.05 10.29 12.96
C ASN A 92 -34.21 8.78 13.08
N GLU A 93 -35.33 8.39 13.69
CA GLU A 93 -35.71 6.98 13.90
C GLU A 93 -35.56 6.14 12.62
N GLU A 94 -36.12 6.61 11.51
CA GLU A 94 -36.06 5.86 10.26
C GLU A 94 -34.62 5.66 9.75
N ALA A 95 -33.81 6.74 9.72
CA ALA A 95 -32.46 6.67 9.16
C ALA A 95 -31.60 5.74 10.03
N MET A 96 -31.78 5.83 11.34
CA MET A 96 -31.01 5.03 12.26
C MET A 96 -31.21 3.52 12.07
N LYS A 97 -32.43 3.15 11.67
CA LYS A 97 -32.75 1.75 11.39
C LYS A 97 -31.97 1.30 10.18
N VAL A 98 -31.94 2.13 9.15
CA VAL A 98 -31.28 1.83 7.91
C VAL A 98 -29.75 1.72 8.13
N ARG A 99 -29.20 2.68 8.86
CA ARG A 99 -27.78 2.69 9.19
C ARG A 99 -27.38 1.44 10.00
N LYS A 100 -28.15 1.09 11.03
CA LYS A 100 -27.88 -0.15 11.79
C LYS A 100 -27.89 -1.41 10.90
N GLN A 101 -28.86 -1.49 9.99
CA GLN A 101 -28.97 -2.62 9.07
C GLN A 101 -27.80 -2.66 8.08
N CYS A 102 -27.32 -1.49 7.68
CA CYS A 102 -26.13 -1.37 6.85
C CYS A 102 -24.83 -1.90 7.53
N ALA A 103 -24.66 -1.59 8.82
CA ALA A 103 -23.51 -2.04 9.57
C ALA A 103 -23.56 -3.55 9.67
N LEU A 104 -24.72 -4.07 10.03
CA LEU A 104 -24.92 -5.54 10.17
C LEU A 104 -24.71 -6.27 8.84
N ALA A 105 -25.10 -5.64 7.74
CA ALA A 105 -24.91 -6.23 6.43
C ALA A 105 -23.42 -6.27 6.10
N ALA A 106 -22.72 -5.18 6.41
CA ALA A 106 -21.27 -5.13 6.23
C ALA A 106 -20.56 -6.15 7.13
N LEU A 107 -20.98 -6.31 8.38
CA LEU A 107 -20.40 -7.31 9.28
C LEU A 107 -20.64 -8.74 8.81
N ARG A 108 -21.76 -8.96 8.12
CA ARG A 108 -22.08 -10.28 7.56
CA ARG A 108 -22.10 -10.27 7.53
C ARG A 108 -21.10 -10.60 6.41
N ASP A 109 -20.74 -9.58 5.63
CA ASP A 109 -19.77 -9.73 4.56
C ASP A 109 -18.34 -9.90 5.09
N VAL A 110 -18.06 -9.31 6.24
CA VAL A 110 -16.79 -9.48 6.91
C VAL A 110 -16.62 -10.97 7.22
N LYS A 111 -17.66 -11.54 7.82
CA LYS A 111 -17.72 -12.93 8.22
C LYS A 111 -17.59 -13.84 7.01
N SER A 112 -18.28 -13.49 5.96
CA SER A 112 -18.18 -14.31 4.79
C SER A 112 -16.76 -14.28 4.23
N TYR A 113 -16.09 -13.13 4.36
CA TYR A 113 -14.77 -12.92 3.76
C TYR A 113 -13.66 -13.67 4.51
N LEU A 114 -13.65 -13.54 5.82
CA LEU A 114 -12.66 -14.14 6.65
C LEU A 114 -12.91 -15.63 6.80
N ALA A 115 -14.17 -16.04 6.91
CA ALA A 115 -14.39 -17.43 7.24
C ALA A 115 -14.48 -18.30 6.03
N LYS A 116 -14.78 -17.72 4.87
CA LYS A 116 -15.13 -18.55 3.71
C LYS A 116 -14.42 -18.22 2.42
N GLU A 117 -13.93 -16.99 2.26
CA GLU A 117 -13.35 -16.58 0.95
C GLU A 117 -11.82 -16.46 0.98
N GLY A 118 -11.22 -16.90 2.08
CA GLY A 118 -9.78 -16.95 2.22
C GLY A 118 -9.09 -15.65 2.58
N GLY A 119 -9.81 -14.73 3.21
CA GLY A 119 -9.23 -13.44 3.60
C GLY A 119 -8.71 -13.48 5.01
N GLN A 120 -7.64 -12.73 5.28
CA GLN A 120 -6.96 -12.84 6.58
C GLN A 120 -7.22 -11.62 7.49
N ILE A 121 -7.39 -10.43 6.90
CA ILE A 121 -7.72 -9.23 7.67
C ILE A 121 -8.91 -8.51 7.00
N ALA A 122 -9.87 -8.14 7.83
CA ALA A 122 -10.99 -7.33 7.39
C ALA A 122 -10.95 -5.99 8.14
N VAL A 123 -10.93 -4.91 7.38
CA VAL A 123 -10.95 -3.57 7.95
C VAL A 123 -12.39 -3.04 7.93
N PHE A 124 -12.96 -2.93 9.12
CA PHE A 124 -14.33 -2.46 9.31
C PHE A 124 -14.30 -0.93 9.46
N ASP A 125 -14.53 -0.26 8.32
CA ASP A 125 -14.41 1.20 8.20
C ASP A 125 -15.73 1.95 8.50
N ALA A 126 -15.84 2.46 9.73
CA ALA A 126 -17.02 3.21 10.16
C ALA A 126 -16.67 4.01 11.41
N THR A 127 -17.66 4.66 12.00
CA THR A 127 -17.43 5.59 13.11
C THR A 127 -17.16 4.84 14.38
N ASN A 128 -18.06 3.91 14.71
CA ASN A 128 -17.87 3.00 15.85
C ASN A 128 -17.53 3.72 17.11
N THR A 129 -18.25 4.81 17.33
CA THR A 129 -17.92 5.77 18.37
C THR A 129 -18.52 5.51 19.75
N THR A 130 -19.40 4.52 19.89
CA THR A 130 -20.00 4.25 21.21
C THR A 130 -19.52 2.93 21.78
N ARG A 131 -19.50 2.81 23.10
CA ARG A 131 -19.20 1.53 23.73
C ARG A 131 -20.21 0.43 23.33
N GLU A 132 -21.50 0.81 23.27
CA GLU A 132 -22.59 -0.08 22.83
CA GLU A 132 -22.54 -0.15 22.90
C GLU A 132 -22.17 -0.78 21.55
N ARG A 133 -21.89 0.04 20.55
CA ARG A 133 -21.59 -0.43 19.21
C ARG A 133 -20.33 -1.33 19.17
N ARG A 134 -19.28 -0.95 19.89
CA ARG A 134 -18.03 -1.71 19.88
C ARG A 134 -18.15 -3.02 20.64
N HIS A 135 -18.97 -2.99 21.71
CA HIS A 135 -19.35 -4.24 22.39
C HIS A 135 -20.01 -5.20 21.42
N MET A 136 -20.95 -4.70 20.62
CA MET A 136 -21.59 -5.53 19.60
C MET A 136 -20.57 -6.10 18.60
N ILE A 137 -19.58 -5.28 18.21
CA ILE A 137 -18.58 -5.71 17.23
C ILE A 137 -17.62 -6.71 17.87
N LEU A 138 -17.28 -6.43 19.11
CA LEU A 138 -16.48 -7.35 19.88
C LEU A 138 -17.16 -8.72 20.04
N HIS A 139 -18.46 -8.72 20.34
CA HIS A 139 -19.19 -9.98 20.50
C HIS A 139 -19.25 -10.69 19.17
N PHE A 140 -19.43 -9.94 18.08
CA PHE A 140 -19.37 -10.53 16.76
C PHE A 140 -18.06 -11.24 16.45
N ALA A 141 -16.91 -10.63 16.78
CA ALA A 141 -15.65 -11.29 16.46
C ALA A 141 -15.46 -12.57 17.30
N LYS A 142 -15.84 -12.51 18.58
CA LYS A 142 -15.75 -13.65 19.47
C LYS A 142 -16.59 -14.82 18.95
N GLU A 143 -17.89 -14.61 18.81
CA GLU A 143 -18.76 -15.61 18.20
C GLU A 143 -18.08 -16.36 17.04
N ASN A 144 -17.31 -15.64 16.22
CA ASN A 144 -16.78 -16.18 14.97
C ASN A 144 -15.30 -16.58 15.02
N ASP A 145 -14.69 -16.48 16.20
CA ASP A 145 -13.25 -16.75 16.34
C ASP A 145 -12.37 -15.84 15.49
N PHE A 146 -12.65 -14.55 15.60
CA PHE A 146 -11.86 -13.50 15.01
C PHE A 146 -11.19 -12.74 16.14
N LYS A 147 -9.96 -12.32 15.90
CA LYS A 147 -9.33 -11.37 16.80
C LYS A 147 -9.83 -9.99 16.40
N ALA A 148 -9.88 -9.09 17.36
CA ALA A 148 -10.31 -7.75 17.10
C ALA A 148 -9.21 -6.78 17.48
N PHE A 149 -8.92 -5.87 16.55
CA PHE A 149 -7.95 -4.84 16.77
C PHE A 149 -8.53 -3.47 16.42
N PHE A 150 -8.36 -2.50 17.32
CA PHE A 150 -8.95 -1.17 17.13
C PHE A 150 -7.92 -0.09 16.76
N ILE A 151 -8.25 0.65 15.70
CA ILE A 151 -7.56 1.87 15.35
C ILE A 151 -8.51 3.06 15.54
N GLU A 152 -8.26 3.88 16.56
CA GLU A 152 -9.00 5.16 16.74
C GLU A 152 -8.20 6.35 16.25
N SER A 153 -8.80 7.16 15.37
CA SER A 153 -8.18 8.41 14.93
C SER A 153 -8.76 9.62 15.65
N VAL A 154 -7.96 10.28 16.49
CA VAL A 154 -8.41 11.46 17.26
C VAL A 154 -7.88 12.75 16.64
N CYS A 155 -8.75 13.67 16.29
CA CYS A 155 -8.27 14.97 15.77
C CYS A 155 -8.97 16.18 16.37
N ASP A 156 -8.23 16.93 17.17
CA ASP A 156 -8.76 18.07 17.93
C ASP A 156 -8.34 19.39 17.33
N ASP A 157 -7.94 19.37 16.08
CA ASP A 157 -7.41 20.55 15.45
C ASP A 157 -8.26 20.95 14.25
N PRO A 158 -9.11 21.99 14.42
CA PRO A 158 -10.13 22.47 13.45
C PRO A 158 -9.57 22.75 12.07
N THR A 159 -8.34 23.26 12.05
CA THR A 159 -7.59 23.48 10.83
C THR A 159 -7.46 22.19 10.03
N VAL A 160 -7.12 21.09 10.72
CA VAL A 160 -6.91 19.81 10.02
C VAL A 160 -8.24 19.23 9.53
N VAL A 161 -9.24 19.22 10.41
CA VAL A 161 -10.62 18.84 10.09
C VAL A 161 -11.12 19.60 8.85
N ALA A 162 -10.93 20.91 8.86
CA ALA A 162 -11.45 21.73 7.74
C ALA A 162 -10.71 21.39 6.46
N SER A 163 -9.39 21.28 6.56
CA SER A 163 -8.56 20.87 5.43
C SER A 163 -8.98 19.49 4.90
N ASN A 164 -9.25 18.57 5.82
CA ASN A 164 -9.74 17.23 5.44
C ASN A 164 -11.02 17.31 4.66
N ILE A 165 -11.97 18.12 5.14
CA ILE A 165 -13.28 18.19 4.50
C ILE A 165 -13.10 18.76 3.10
N MET A 166 -12.33 19.84 3.00
CA MET A 166 -12.02 20.46 1.73
C MET A 166 -11.40 19.47 0.78
N GLU A 167 -10.48 18.67 1.30
CA GLU A 167 -9.70 17.78 0.47
C GLU A 167 -10.46 16.58 -0.09
N VAL A 168 -11.32 15.97 0.71
CA VAL A 168 -11.94 14.71 0.27
C VAL A 168 -13.44 14.68 0.39
N LYS A 169 -14.03 15.60 1.16
CA LYS A 169 -15.45 15.52 1.41
C LYS A 169 -16.31 16.23 0.37
N ILE A 170 -16.01 17.52 0.14
CA ILE A 170 -16.79 18.34 -0.80
C ILE A 170 -16.91 17.73 -2.22
N SER A 171 -15.96 16.90 -2.60
CA SER A 171 -16.01 16.28 -3.93
C SER A 171 -16.31 14.77 -3.89
N SER A 172 -16.95 14.29 -2.82
CA SER A 172 -17.36 12.90 -2.80
C SER A 172 -18.78 12.79 -3.34
N PRO A 173 -19.26 11.55 -3.58
CA PRO A 173 -20.56 11.42 -4.25
C PRO A 173 -21.71 12.06 -3.46
N ASP A 174 -21.62 12.00 -2.13
CA ASP A 174 -22.60 12.60 -1.22
C ASP A 174 -22.93 14.07 -1.53
N TYR A 175 -21.95 14.79 -2.02
CA TYR A 175 -22.07 16.22 -2.22
C TYR A 175 -21.97 16.63 -3.68
N LYS A 176 -22.51 15.80 -4.58
CA LYS A 176 -22.39 16.03 -6.03
C LYS A 176 -23.03 17.33 -6.54
N ASP A 177 -24.18 17.70 -5.97
CA ASP A 177 -24.88 18.94 -6.34
C ASP A 177 -24.72 19.94 -5.21
N CYS A 178 -23.50 20.42 -5.04
CA CYS A 178 -23.18 21.28 -3.90
C CYS A 178 -21.97 22.14 -4.19
N ASN A 179 -22.01 23.37 -3.69
CA ASN A 179 -20.81 24.16 -3.64
C ASN A 179 -20.12 23.90 -2.31
N SER A 180 -18.86 24.32 -2.25
CA SER A 180 -18.01 24.24 -1.08
C SER A 180 -18.69 24.61 0.23
N ALA A 181 -19.19 25.84 0.33
CA ALA A 181 -19.65 26.38 1.60
C ALA A 181 -20.89 25.64 2.09
N GLU A 182 -21.69 25.15 1.14
CA GLU A 182 -22.88 24.34 1.47
C GLU A 182 -22.49 22.97 1.99
N ALA A 183 -21.66 22.27 1.20
CA ALA A 183 -21.08 20.97 1.59
C ALA A 183 -20.31 21.03 2.93
N MET A 184 -19.38 21.99 3.05
CA MET A 184 -18.65 22.24 4.30
C MET A 184 -19.60 22.44 5.47
N ASP A 185 -20.62 23.25 5.22
CA ASP A 185 -21.59 23.61 6.26
C ASP A 185 -22.42 22.39 6.69
N ASP A 186 -22.84 21.62 5.68
CA ASP A 186 -23.60 20.40 5.93
C ASP A 186 -22.73 19.45 6.74
N PHE A 187 -21.46 19.32 6.32
CA PHE A 187 -20.55 18.36 6.92
C PHE A 187 -20.22 18.64 8.40
N MET A 188 -20.08 19.92 8.75
CA MET A 188 -19.83 20.27 10.15
C MET A 188 -21.00 19.84 11.02
N LYS A 189 -22.21 19.99 10.47
CA LYS A 189 -23.43 19.64 11.22
C LYS A 189 -23.54 18.12 11.35
N ARG A 190 -23.17 17.45 10.26
CA ARG A 190 -23.05 16.01 10.21
C ARG A 190 -22.07 15.53 11.27
N ILE A 191 -20.93 16.20 11.37
CA ILE A 191 -19.99 15.83 12.43
C ILE A 191 -20.70 15.95 13.77
N SER A 192 -21.39 17.07 13.98
CA SER A 192 -22.18 17.36 15.21
C SER A 192 -23.05 16.20 15.72
N CYS A 193 -23.71 15.49 14.80
CA CYS A 193 -24.57 14.38 15.18
C CYS A 193 -23.85 13.32 15.96
N TYR A 194 -22.55 13.15 15.70
CA TYR A 194 -21.78 12.10 16.36
C TYR A 194 -21.13 12.58 17.64
N GLU A 195 -20.93 13.89 17.76
CA GLU A 195 -20.14 14.44 18.85
C GLU A 195 -20.75 14.10 20.20
N ALA A 196 -22.05 14.30 20.34
CA ALA A 196 -22.76 14.13 21.61
C ALA A 196 -22.58 12.75 22.31
N SER A 197 -22.66 11.66 21.56
CA SER A 197 -22.57 10.31 22.18
C SER A 197 -21.19 9.63 22.08
N TYR A 198 -20.19 10.33 21.51
CA TYR A 198 -18.84 9.82 21.28
C TYR A 198 -18.10 9.42 22.57
N GLN A 199 -17.72 8.15 22.69
CA GLN A 199 -16.94 7.69 23.83
C GLN A 199 -15.59 7.17 23.33
N PRO A 200 -14.52 8.00 23.42
CA PRO A 200 -13.19 7.59 22.95
C PRO A 200 -12.76 6.30 23.59
N LEU A 201 -11.83 5.60 22.93
CA LEU A 201 -11.26 4.39 23.52
C LEU A 201 -10.55 4.85 24.80
N ASP A 202 -10.76 4.15 25.90
CA ASP A 202 -10.03 4.47 27.13
C ASP A 202 -9.32 3.24 27.66
N PRO A 203 -8.04 3.06 27.31
CA PRO A 203 -7.32 1.87 27.79
C PRO A 203 -6.91 1.98 29.25
N ASP A 204 -7.02 3.17 29.84
CA ASP A 204 -6.77 3.38 31.27
C ASP A 204 -7.77 2.61 32.14
N LYS A 205 -9.05 2.74 31.80
CA LYS A 205 -10.12 2.21 32.61
C LYS A 205 -10.89 1.12 31.87
N CYS A 206 -11.90 1.55 31.12
CA CYS A 206 -12.93 0.69 30.52
C CYS A 206 -12.46 -0.26 29.39
N ASP A 207 -11.49 0.19 28.59
CA ASP A 207 -10.98 -0.60 27.44
C ASP A 207 -9.62 -1.26 27.74
N ARG A 208 -9.31 -1.31 29.03
CA ARG A 208 -8.16 -1.97 29.63
C ARG A 208 -7.71 -3.25 28.89
N ASP A 209 -8.66 -3.95 28.27
CA ASP A 209 -8.38 -5.29 27.72
C ASP A 209 -8.35 -5.39 26.19
N LEU A 210 -8.74 -4.33 25.52
CA LEU A 210 -8.78 -4.34 24.07
C LEU A 210 -7.41 -4.11 23.46
N SER A 211 -7.18 -4.72 22.31
CA SER A 211 -6.02 -4.47 21.50
C SER A 211 -6.28 -3.27 20.61
N LEU A 212 -5.50 -2.20 20.81
CA LEU A 212 -5.80 -0.97 20.11
C LEU A 212 -4.61 -0.06 19.89
N ILE A 213 -4.78 0.85 18.92
CA ILE A 213 -3.93 2.00 18.76
C ILE A 213 -4.77 3.29 18.57
N LYS A 214 -4.45 4.29 19.38
CA LYS A 214 -4.96 5.61 19.18
C LYS A 214 -3.92 6.42 18.43
N VAL A 215 -4.33 6.99 17.29
CA VAL A 215 -3.49 7.89 16.52
C VAL A 215 -3.91 9.31 16.93
N ILE A 216 -2.96 10.07 17.47
CA ILE A 216 -3.21 11.45 17.99
C ILE A 216 -2.37 12.49 17.20
N ASP A 217 -2.83 13.75 17.13
CA ASP A 217 -2.08 14.84 16.40
C ASP A 217 -1.60 14.41 15.04
N VAL A 218 -2.49 13.91 14.21
CA VAL A 218 -2.11 13.50 12.85
C VAL A 218 -0.86 12.61 12.86
N GLY A 219 -0.76 11.68 13.80
CA GLY A 219 0.32 10.72 13.78
C GLY A 219 1.61 11.16 14.43
N ARG A 220 1.53 12.06 15.40
CA ARG A 220 2.72 12.44 16.13
C ARG A 220 2.72 11.86 17.56
N ARG A 221 1.54 11.51 18.06
CA ARG A 221 1.43 10.82 19.33
C ARG A 221 0.59 9.54 19.21
N PHE A 222 0.91 8.50 19.99
CA PHE A 222 0.22 7.21 19.93
C PHE A 222 0.02 6.60 21.29
N LEU A 223 -1.16 6.01 21.50
CA LEU A 223 -1.37 5.10 22.61
C LEU A 223 -1.57 3.72 22.02
N VAL A 224 -0.81 2.75 22.49
CA VAL A 224 -0.89 1.40 22.00
C VAL A 224 -1.11 0.45 23.19
N ASN A 225 -2.10 -0.43 23.06
CA ASN A 225 -2.47 -1.32 24.14
C ASN A 225 -2.66 -2.73 23.65
N ARG A 226 -1.98 -3.65 24.32
CA ARG A 226 -2.18 -5.10 24.16
C ARG A 226 -2.08 -5.64 22.76
N VAL A 227 -1.02 -5.31 22.05
CA VAL A 227 -0.70 -5.99 20.78
C VAL A 227 -0.67 -7.50 21.05
N GLN A 228 -1.41 -8.27 20.27
CA GLN A 228 -1.54 -9.70 20.58
C GLN A 228 -0.59 -10.54 19.80
N ASP A 229 -0.19 -10.09 18.62
CA ASP A 229 0.42 -11.03 17.68
C ASP A 229 1.30 -10.35 16.61
N HIS A 230 1.90 -11.19 15.77
CA HIS A 230 2.84 -10.75 14.76
C HIS A 230 2.24 -9.69 13.87
N ILE A 231 1.04 -9.96 13.34
CA ILE A 231 0.47 -9.07 12.33
C ILE A 231 0.05 -7.76 12.96
N GLN A 232 -0.44 -7.82 14.21
CA GLN A 232 -0.80 -6.59 14.90
C GLN A 232 0.41 -5.68 15.12
N SER A 233 1.52 -6.31 15.47
CA SER A 233 2.76 -5.61 15.72
C SER A 233 3.29 -4.94 14.42
N ARG A 234 3.13 -5.63 13.29
CA ARG A 234 3.49 -5.07 12.00
C ARG A 234 2.56 -3.91 11.62
N ILE A 235 1.27 -4.04 11.91
CA ILE A 235 0.33 -2.97 11.62
C ILE A 235 0.71 -1.72 12.42
N VAL A 236 1.00 -1.91 13.71
CA VAL A 236 1.37 -0.79 14.58
C VAL A 236 2.65 -0.04 14.10
N TYR A 237 3.71 -0.82 13.82
CA TYR A 237 4.91 -0.31 13.21
C TYR A 237 4.56 0.59 12.02
N TYR A 238 3.83 0.05 11.05
CA TYR A 238 3.45 0.78 9.84
C TYR A 238 2.72 2.10 10.10
N LEU A 239 1.63 2.01 10.87
CA LEU A 239 0.81 3.15 11.25
C LEU A 239 1.57 4.25 11.93
N MET A 240 2.57 3.87 12.71
CA MET A 240 3.33 4.84 13.48
C MET A 240 4.37 5.60 12.63
N ASN A 241 4.59 5.17 11.38
CA ASN A 241 5.63 5.77 10.54
C ASN A 241 5.10 6.38 9.27
N ILE A 242 3.79 6.34 9.06
CA ILE A 242 3.19 7.08 7.94
C ILE A 242 2.79 8.48 8.42
N HIS A 243 2.69 9.40 7.50
CA HIS A 243 2.50 10.80 7.84
C HIS A 243 1.84 11.41 6.67
N VAL A 244 1.29 12.59 6.82
CA VAL A 244 0.64 13.17 5.65
C VAL A 244 1.19 14.46 5.09
N GLN A 245 2.41 14.81 5.49
CA GLN A 245 3.17 15.88 4.88
C GLN A 245 3.23 15.71 3.35
N PRO A 246 2.97 16.79 2.60
CA PRO A 246 3.06 16.74 1.13
C PRO A 246 4.50 16.50 0.69
N ARG A 247 4.68 15.79 -0.41
CA ARG A 247 5.98 15.25 -0.79
C ARG A 247 5.87 14.78 -2.23
N THR A 248 7.00 14.47 -2.86
CA THR A 248 6.96 13.90 -4.20
C THR A 248 7.93 12.72 -4.24
N ILE A 249 7.53 11.63 -4.90
CA ILE A 249 8.39 10.48 -4.98
C ILE A 249 8.70 10.24 -6.44
N TYR A 250 9.98 10.17 -6.76
CA TYR A 250 10.41 9.93 -8.11
C TYR A 250 11.07 8.57 -8.15
N LEU A 251 10.70 7.78 -9.15
CA LEU A 251 11.22 6.45 -9.32
C LEU A 251 11.70 6.36 -10.74
N CYS A 252 12.89 5.82 -10.94
CA CYS A 252 13.34 5.54 -12.30
C CYS A 252 14.37 4.46 -12.23
N ARG A 253 14.76 3.93 -13.39
CA ARG A 253 15.80 2.94 -13.50
C ARG A 253 17.12 3.65 -13.72
N NEP A 254 18.20 2.88 -13.64
CA NEP A 254 19.52 3.37 -13.97
C NEP A 254 19.47 3.75 -15.44
O NEP A 254 18.63 3.21 -16.19
CB NEP A 254 20.46 2.17 -13.76
CG NEP A 254 19.97 0.98 -14.55
ND1 NEP A 254 20.28 0.69 -15.85
CD2 NEP A 254 19.12 -0.04 -14.10
CE1 NEP A 254 19.68 -0.46 -16.24
NE2 NEP A 254 18.99 -0.82 -15.18
P NEP A 254 18.03 -2.27 -15.13
O1P NEP A 254 16.55 -1.99 -14.56
O2P NEP A 254 18.03 -2.91 -16.45
O3P NEP A 254 18.82 -3.26 -14.14
N GLY A 255 20.32 4.69 -15.87
CA GLY A 255 20.51 4.96 -17.29
C GLY A 255 20.84 3.64 -17.93
N GLU A 256 20.54 3.49 -19.22
CA GLU A 256 20.82 2.26 -19.98
C GLU A 256 22.22 1.75 -19.66
N ASN A 257 22.35 0.43 -19.58
CA ASN A 257 23.65 -0.15 -19.26
C ASN A 257 24.15 -1.04 -20.35
N GLU A 258 25.40 -1.47 -20.26
CA GLU A 258 26.00 -2.28 -21.31
C GLU A 258 25.25 -3.60 -21.52
N HIS A 259 24.78 -4.21 -20.43
CA HIS A 259 24.04 -5.48 -20.53
C HIS A 259 22.68 -5.36 -21.16
N ASN A 260 22.03 -4.22 -20.94
CA ASN A 260 20.78 -3.90 -21.62
C ASN A 260 20.99 -4.06 -23.14
N LEU A 261 22.02 -3.39 -23.69
CA LEU A 261 22.32 -3.46 -25.13
C LEU A 261 22.41 -4.87 -25.70
N GLN A 262 22.82 -5.82 -24.87
CA GLN A 262 23.04 -7.18 -25.34
C GLN A 262 21.88 -8.07 -24.97
N GLY A 263 20.86 -7.50 -24.32
CA GLY A 263 19.73 -8.27 -23.79
C GLY A 263 20.13 -9.29 -22.72
N ARG A 264 21.14 -8.95 -21.90
CA ARG A 264 21.54 -9.79 -20.76
C ARG A 264 20.92 -9.28 -19.47
N ILE A 265 20.44 -10.22 -18.65
CA ILE A 265 19.80 -9.91 -17.36
C ILE A 265 20.85 -9.84 -16.21
N GLY A 266 20.59 -9.00 -15.21
CA GLY A 266 21.41 -8.97 -13.99
C GLY A 266 22.83 -8.55 -14.28
N GLY A 267 23.77 -9.05 -13.46
CA GLY A 267 25.16 -8.61 -13.58
C GLY A 267 25.35 -7.21 -13.00
N ASP A 268 26.48 -6.59 -13.30
CA ASP A 268 26.82 -5.32 -12.66
C ASP A 268 27.53 -4.45 -13.69
N SER A 269 26.90 -4.28 -14.86
CA SER A 269 27.51 -3.51 -15.94
C SER A 269 27.28 -2.03 -15.71
N GLY A 270 28.13 -1.20 -16.34
CA GLY A 270 28.08 0.27 -16.23
C GLY A 270 27.25 0.88 -17.34
N LEU A 271 27.08 2.20 -17.29
CA LEU A 271 26.28 2.90 -18.27
C LEU A 271 26.86 2.77 -19.69
N SER A 272 25.99 2.43 -20.66
CA SER A 272 26.24 2.69 -22.11
C SER A 272 26.34 4.20 -22.32
N SER A 273 26.78 4.65 -23.48
CA SER A 273 26.87 6.11 -23.65
C SER A 273 25.51 6.78 -23.64
N ARG A 274 24.45 6.08 -24.04
CA ARG A 274 23.12 6.67 -23.92
C ARG A 274 22.72 6.83 -22.44
N GLY A 275 23.04 5.80 -21.64
CA GLY A 275 22.80 5.85 -20.21
C GLY A 275 23.45 7.10 -19.62
N LYS A 276 24.67 7.40 -20.08
CA LYS A 276 25.37 8.58 -19.55
C LYS A 276 24.58 9.84 -19.91
N LYS A 277 24.00 9.84 -21.11
CA LYS A 277 23.23 11.00 -21.54
C LYS A 277 21.99 11.12 -20.67
N PHE A 278 21.40 9.97 -20.34
CA PHE A 278 20.25 9.99 -19.44
C PHE A 278 20.59 10.53 -18.06
N ALA A 279 21.76 10.17 -17.55
CA ALA A 279 22.17 10.66 -16.25
C ALA A 279 22.22 12.19 -16.21
N SER A 280 22.82 12.79 -17.25
CA SER A 280 22.92 14.26 -17.37
C SER A 280 21.54 14.83 -17.42
N ALA A 281 20.71 14.21 -18.25
CA ALA A 281 19.31 14.65 -18.41
C ALA A 281 18.56 14.65 -17.05
N LEU A 282 18.70 13.53 -16.33
CA LEU A 282 18.15 13.41 -14.98
C LEU A 282 18.67 14.51 -14.06
N SER A 283 19.94 14.84 -14.17
CA SER A 283 20.50 15.93 -13.35
C SER A 283 19.75 17.23 -13.65
N LYS A 284 19.71 17.58 -14.93
CA LYS A 284 18.95 18.74 -15.41
C LYS A 284 17.50 18.68 -14.90
N PHE A 285 16.80 17.57 -15.17
CA PHE A 285 15.44 17.37 -14.64
C PHE A 285 15.29 17.61 -13.11
N VAL A 286 16.17 16.98 -12.32
CA VAL A 286 16.11 17.15 -10.86
C VAL A 286 16.32 18.62 -10.51
N GLU A 287 17.33 19.20 -11.14
CA GLU A 287 17.66 20.60 -10.89
C GLU A 287 16.44 21.47 -11.10
N GLU A 288 15.71 21.24 -12.19
CA GLU A 288 14.60 22.13 -12.44
C GLU A 288 13.29 21.82 -11.69
N GLN A 289 13.19 20.64 -11.07
CA GLN A 289 12.07 20.37 -10.17
C GLN A 289 12.23 21.24 -8.96
N ASN A 290 13.47 21.68 -8.75
CA ASN A 290 13.84 22.55 -7.65
C ASN A 290 13.21 22.16 -6.32
N LEU A 291 13.69 21.06 -5.72
CA LEU A 291 13.03 20.49 -4.55
C LEU A 291 13.77 20.74 -3.28
N LYS A 292 13.04 20.99 -2.21
CA LYS A 292 13.60 21.06 -0.86
C LYS A 292 14.05 19.66 -0.39
N ASP A 293 15.32 19.50 -0.04
CA ASP A 293 15.78 18.32 0.71
C ASP A 293 15.50 16.98 0.06
N LEU A 294 15.89 16.83 -1.19
CA LEU A 294 15.64 15.60 -1.88
C LEU A 294 16.61 14.54 -1.38
N ARG A 295 16.10 13.38 -0.95
CA ARG A 295 16.96 12.23 -0.69
C ARG A 295 17.08 11.39 -1.94
N VAL A 296 18.30 11.03 -2.30
CA VAL A 296 18.52 10.18 -3.45
C VAL A 296 18.96 8.80 -3.00
N TRP A 297 18.27 7.77 -3.47
CA TRP A 297 18.65 6.39 -3.15
C TRP A 297 19.04 5.63 -4.35
N THR A 298 20.03 4.75 -4.20
CA THR A 298 20.49 3.87 -5.27
C THR A 298 20.59 2.44 -4.75
N SER A 299 20.74 1.48 -5.67
CA SER A 299 21.09 0.14 -5.32
C SER A 299 22.62 0.15 -5.05
N GLN A 300 23.23 -1.01 -4.90
CA GLN A 300 24.68 -1.11 -4.82
C GLN A 300 25.29 -1.55 -6.15
N LEU A 301 24.45 -1.67 -7.17
CA LEU A 301 24.93 -2.00 -8.50
C LEU A 301 25.44 -0.72 -9.24
N LYS A 302 26.53 -0.88 -10.00
CA LYS A 302 27.23 0.25 -10.64
C LYS A 302 26.33 1.22 -11.44
N SER A 303 25.42 0.63 -12.22
CA SER A 303 24.59 1.42 -13.15
C SER A 303 23.79 2.49 -12.44
N THR A 304 23.20 2.15 -11.28
CA THR A 304 22.45 3.14 -10.50
C THR A 304 23.36 4.18 -9.85
N ILE A 305 24.56 3.77 -9.39
CA ILE A 305 25.51 4.68 -8.74
C ILE A 305 26.04 5.72 -9.74
N GLN A 306 26.51 5.23 -10.88
CA GLN A 306 26.87 6.12 -12.01
C GLN A 306 25.81 7.18 -12.37
N THR A 307 24.56 6.75 -12.45
CA THR A 307 23.48 7.66 -12.69
C THR A 307 23.36 8.68 -11.56
N ALA A 308 23.36 8.26 -10.30
CA ALA A 308 23.27 9.24 -9.21
C ALA A 308 24.46 10.21 -9.17
N GLU A 309 25.65 9.78 -9.59
CA GLU A 309 26.85 10.66 -9.63
C GLU A 309 26.61 11.94 -10.44
N ALA A 310 26.00 11.77 -11.62
CA ALA A 310 25.65 12.90 -12.49
C ALA A 310 24.85 14.00 -11.80
N LEU A 311 24.21 13.69 -10.67
CA LEU A 311 23.35 14.68 -10.05
C LEU A 311 24.10 15.64 -9.16
N ARG A 312 25.37 15.35 -8.88
CA ARG A 312 26.11 16.08 -7.83
C ARG A 312 25.24 16.35 -6.59
N LEU A 313 24.52 15.34 -6.12
CA LEU A 313 23.86 15.42 -4.82
C LEU A 313 24.33 14.25 -3.97
N PRO A 314 24.25 14.37 -2.64
CA PRO A 314 24.48 13.17 -1.79
C PRO A 314 23.45 12.05 -2.04
N TYR A 315 23.91 10.81 -2.13
CA TYR A 315 22.99 9.68 -2.22
C TYR A 315 23.35 8.51 -1.28
N GLU A 316 22.36 7.67 -1.00
CA GLU A 316 22.55 6.50 -0.17
C GLU A 316 22.38 5.21 -1.00
N GLN A 317 23.23 4.23 -0.77
CA GLN A 317 23.16 2.96 -1.48
C GLN A 317 22.48 1.95 -0.59
N TRP A 318 21.53 1.21 -1.16
CA TRP A 318 20.76 0.23 -0.40
C TRP A 318 20.93 -1.09 -1.04
N LYS A 319 21.59 -2.03 -0.38
CA LYS A 319 21.64 -3.38 -0.93
C LYS A 319 20.25 -3.89 -1.30
N ALA A 320 19.27 -3.53 -0.48
CA ALA A 320 17.92 -3.98 -0.69
C ALA A 320 17.29 -3.52 -2.03
N LEU A 321 17.84 -2.47 -2.66
CA LEU A 321 17.40 -2.04 -4.00
C LEU A 321 18.06 -2.78 -5.19
N ASN A 322 18.97 -3.71 -4.92
CA ASN A 322 19.62 -4.45 -6.03
C ASN A 322 18.59 -5.17 -6.90
N GLU A 323 18.83 -5.23 -8.21
CA GLU A 323 17.87 -5.92 -9.09
C GLU A 323 17.58 -7.35 -8.64
N ILE A 324 16.39 -7.89 -8.95
CA ILE A 324 16.11 -9.30 -8.66
C ILE A 324 17.31 -10.20 -9.05
N ASP A 325 17.54 -11.24 -8.25
CA ASP A 325 18.70 -12.14 -8.45
C ASP A 325 18.31 -13.32 -9.31
N ALA A 326 18.95 -13.49 -10.46
CA ALA A 326 18.52 -14.53 -11.42
C ALA A 326 19.18 -15.88 -11.20
N GLY A 327 19.94 -16.00 -10.10
CA GLY A 327 20.63 -17.22 -9.67
C GLY A 327 21.54 -17.72 -10.78
N VAL A 328 21.39 -18.97 -11.17
CA VAL A 328 22.22 -19.55 -12.21
C VAL A 328 22.05 -18.85 -13.57
N CYS A 329 20.95 -18.12 -13.78
CA CYS A 329 20.72 -17.41 -15.06
C CYS A 329 21.33 -16.00 -15.15
N GLU A 330 22.01 -15.54 -14.11
CA GLU A 330 22.61 -14.20 -14.13
C GLU A 330 23.50 -14.02 -15.38
N GLU A 331 23.36 -12.90 -16.07
CA GLU A 331 24.25 -12.50 -17.19
C GLU A 331 24.03 -13.28 -18.48
N LEU A 332 22.95 -14.05 -18.51
CA LEU A 332 22.45 -14.70 -19.71
C LEU A 332 21.43 -13.80 -20.46
N THR A 333 21.25 -14.08 -21.76
CA THR A 333 20.09 -13.59 -22.53
C THR A 333 18.91 -14.53 -22.30
N TYR A 334 17.71 -14.01 -22.52
CA TYR A 334 16.52 -14.84 -22.42
C TYR A 334 16.58 -16.06 -23.37
N GLU A 335 17.20 -15.88 -24.53
CA GLU A 335 17.39 -16.96 -25.52
C GLU A 335 18.30 -18.05 -24.94
N GLU A 336 19.45 -17.63 -24.41
CA GLU A 336 20.33 -18.57 -23.71
C GLU A 336 19.58 -19.25 -22.56
N ILE A 337 18.66 -18.53 -21.89
CA ILE A 337 17.87 -19.17 -20.83
C ILE A 337 16.98 -20.28 -21.42
N ARG A 338 16.31 -19.97 -22.53
CA ARG A 338 15.37 -20.89 -23.21
C ARG A 338 16.09 -22.13 -23.75
N ASP A 339 17.29 -21.93 -24.30
CA ASP A 339 18.07 -23.05 -24.86
C ASP A 339 18.74 -23.85 -23.78
N THR A 340 19.26 -23.18 -22.75
CA THR A 340 19.98 -23.87 -21.70
C THR A 340 19.06 -24.42 -20.60
N TYR A 341 17.97 -23.70 -20.29
CA TYR A 341 17.07 -24.12 -19.18
C TYR A 341 15.58 -24.09 -19.59
N PRO A 342 15.22 -24.85 -20.63
CA PRO A 342 13.88 -24.67 -21.22
C PRO A 342 12.74 -24.92 -20.24
N GLU A 343 12.91 -25.89 -19.35
CA GLU A 343 11.86 -26.19 -18.38
C GLU A 343 11.70 -25.02 -17.35
N GLU A 344 12.84 -24.45 -16.91
CA GLU A 344 12.84 -23.26 -16.04
C GLU A 344 12.20 -22.07 -16.73
N TYR A 345 12.60 -21.84 -17.98
CA TYR A 345 12.08 -20.74 -18.78
C TYR A 345 10.55 -20.82 -18.84
N ALA A 346 10.06 -22.02 -19.12
CA ALA A 346 8.63 -22.23 -19.28
C ALA A 346 7.89 -22.04 -17.95
N LEU A 347 8.42 -22.63 -16.88
CA LEU A 347 7.86 -22.46 -15.53
C LEU A 347 7.64 -21.00 -15.16
N ARG A 348 8.68 -20.17 -15.38
CA ARG A 348 8.61 -18.73 -15.09
C ARG A 348 7.47 -18.01 -15.83
N GLU A 349 7.31 -18.32 -17.12
CA GLU A 349 6.20 -17.83 -17.95
C GLU A 349 4.82 -18.20 -17.41
N GLN A 350 4.67 -19.40 -16.89
CA GLN A 350 3.38 -19.81 -16.36
C GLN A 350 3.07 -19.23 -14.97
N ASP A 351 4.08 -18.77 -14.24
CA ASP A 351 3.86 -18.26 -12.89
C ASP A 351 4.94 -17.23 -12.49
N LYS A 352 4.91 -16.07 -13.11
CA LYS A 352 6.04 -15.16 -13.04
C LYS A 352 6.22 -14.53 -11.67
N TYR A 353 5.16 -14.42 -10.87
CA TYR A 353 5.33 -13.77 -9.60
C TYR A 353 5.95 -14.73 -8.59
N TYR A 354 5.57 -16.00 -8.66
CA TYR A 354 5.98 -16.96 -7.65
C TYR A 354 7.25 -17.71 -8.04
N TYR A 355 7.58 -17.72 -9.32
CA TYR A 355 8.70 -18.50 -9.79
C TYR A 355 9.97 -17.98 -9.17
N ARG A 356 10.76 -18.89 -8.62
CA ARG A 356 12.10 -18.53 -8.17
C ARG A 356 13.18 -19.10 -9.11
N TYR A 357 14.08 -18.24 -9.60
CA TYR A 357 15.21 -18.71 -10.33
C TYR A 357 16.07 -19.62 -9.43
N PRO A 358 16.72 -20.65 -10.00
CA PRO A 358 17.46 -21.55 -9.10
C PRO A 358 18.68 -20.89 -8.48
N THR A 359 18.77 -21.02 -7.16
CA THR A 359 19.71 -20.30 -6.31
C THR A 359 19.41 -18.80 -6.34
N GLY A 360 18.27 -18.39 -6.90
CA GLY A 360 17.99 -16.96 -7.04
C GLY A 360 16.72 -16.56 -6.34
N GLU A 361 16.05 -15.54 -6.86
CA GLU A 361 14.83 -14.98 -6.26
C GLU A 361 13.60 -15.06 -7.16
N SER A 362 12.44 -14.95 -6.53
CA SER A 362 11.16 -14.65 -7.14
C SER A 362 10.77 -13.18 -6.86
N TYR A 363 9.83 -12.63 -7.62
CA TYR A 363 9.17 -11.36 -7.25
C TYR A 363 8.63 -11.38 -5.85
N GLN A 364 8.16 -12.53 -5.41
CA GLN A 364 7.71 -12.67 -4.03
C GLN A 364 8.85 -12.42 -3.02
N ASP A 365 10.04 -12.99 -3.30
CA ASP A 365 11.23 -12.67 -2.50
C ASP A 365 11.53 -11.18 -2.50
N LEU A 366 11.46 -10.57 -3.69
CA LEU A 366 11.72 -9.16 -3.83
C LEU A 366 10.86 -8.33 -2.87
N VAL A 367 9.55 -8.63 -2.84
CA VAL A 367 8.64 -7.86 -2.03
C VAL A 367 9.14 -7.82 -0.57
N GLN A 368 9.60 -8.96 -0.12
CA GLN A 368 10.04 -9.14 1.24
C GLN A 368 11.35 -8.39 1.55
N ARG A 369 12.32 -8.46 0.64
CA ARG A 369 13.54 -7.64 0.68
C ARG A 369 13.20 -6.16 0.69
N LEU A 370 12.13 -5.76 0.00
CA LEU A 370 11.76 -4.35 -0.06
C LEU A 370 10.99 -3.79 1.12
N GLU A 371 10.50 -4.63 2.03
CA GLU A 371 9.73 -4.11 3.17
C GLU A 371 10.44 -2.93 3.87
N PRO A 372 11.75 -3.09 4.19
CA PRO A 372 12.46 -1.98 4.84
C PRO A 372 12.56 -0.71 3.96
N VAL A 373 12.62 -0.88 2.65
CA VAL A 373 12.62 0.26 1.73
C VAL A 373 11.27 1.01 1.77
N ILE A 374 10.17 0.28 1.62
CA ILE A 374 8.81 0.80 1.74
C ILE A 374 8.61 1.53 3.06
N MET A 375 9.07 0.94 4.16
CA MET A 375 8.85 1.55 5.44
C MET A 375 9.65 2.85 5.55
N GLU A 376 10.89 2.85 5.08
CA GLU A 376 11.63 4.08 5.07
C GLU A 376 11.08 5.14 4.08
N LEU A 377 10.62 4.74 2.90
CA LEU A 377 9.91 5.68 2.01
C LEU A 377 8.70 6.32 2.67
N GLU A 378 7.95 5.58 3.49
CA GLU A 378 6.83 6.20 4.21
C GLU A 378 7.31 7.24 5.18
N ARG A 379 8.46 7.01 5.81
CA ARG A 379 8.99 7.97 6.76
CA ARG A 379 9.07 7.95 6.75
C ARG A 379 9.51 9.24 6.05
N GLN A 380 10.08 9.12 4.85
CA GLN A 380 10.66 10.27 4.15
C GLN A 380 9.62 11.23 3.59
N GLU A 381 10.14 12.25 2.90
CA GLU A 381 9.34 13.24 2.20
C GLU A 381 9.66 13.21 0.70
N ASN A 382 10.48 14.14 0.21
CA ASN A 382 10.96 14.08 -1.16
C ASN A 382 12.11 13.08 -1.34
N VAL A 383 11.91 12.11 -2.23
CA VAL A 383 12.86 11.04 -2.50
C VAL A 383 12.95 10.73 -3.99
N LEU A 384 14.14 10.38 -4.45
CA LEU A 384 14.35 9.86 -5.78
C LEU A 384 15.01 8.50 -5.63
N VAL A 385 14.37 7.47 -6.20
CA VAL A 385 14.86 6.11 -6.08
C VAL A 385 15.31 5.74 -7.47
N ILE A 386 16.59 5.40 -7.63
CA ILE A 386 17.15 5.00 -8.93
C ILE A 386 17.42 3.51 -8.82
N CYS A 387 16.71 2.69 -9.57
CA CYS A 387 16.79 1.27 -9.30
C CYS A 387 16.73 0.45 -10.55
N HIS A 388 15.89 -0.60 -10.58
CA HIS A 388 15.94 -1.60 -11.62
C HIS A 388 14.56 -2.09 -11.95
N GLN A 389 14.44 -2.79 -13.08
CA GLN A 389 13.15 -3.09 -13.65
C GLN A 389 12.23 -3.84 -12.68
N ALA A 390 12.59 -5.06 -12.31
CA ALA A 390 11.83 -5.85 -11.36
C ALA A 390 11.59 -5.08 -10.07
N VAL A 391 12.65 -4.51 -9.51
CA VAL A 391 12.52 -3.72 -8.28
C VAL A 391 11.52 -2.59 -8.48
N LEU A 392 11.66 -1.85 -9.56
CA LEU A 392 10.74 -0.75 -9.79
C LEU A 392 9.26 -1.22 -9.91
N ARG A 393 9.04 -2.33 -10.63
CA ARG A 393 7.71 -2.94 -10.69
C ARG A 393 7.14 -3.20 -9.29
N CYS A 394 7.98 -3.73 -8.40
CA CYS A 394 7.54 -4.04 -7.04
CA CYS A 394 7.57 -4.07 -7.05
C CYS A 394 7.15 -2.81 -6.25
N LEU A 395 7.95 -1.76 -6.34
CA LEU A 395 7.66 -0.53 -5.59
C LEU A 395 6.39 0.13 -6.13
N LEU A 396 6.33 0.23 -7.45
CA LEU A 396 5.18 0.80 -8.15
C LEU A 396 3.90 0.04 -7.84
N ALA A 397 3.98 -1.29 -7.82
CA ALA A 397 2.81 -2.05 -7.44
C ALA A 397 2.34 -1.70 -6.03
N TYR A 398 3.26 -1.46 -5.09
CA TYR A 398 2.84 -1.03 -3.74
C TYR A 398 2.15 0.32 -3.79
N PHE A 399 2.72 1.27 -4.51
CA PHE A 399 2.14 2.59 -4.51
C PHE A 399 0.80 2.69 -5.24
N LEU A 400 0.66 1.90 -6.33
CA LEU A 400 -0.50 1.94 -7.20
C LEU A 400 -1.51 0.84 -6.92
N ASP A 401 -1.31 0.10 -5.83
CA ASP A 401 -2.24 -0.94 -5.37
C ASP A 401 -2.48 -2.00 -6.43
N LYS A 402 -1.44 -2.34 -7.18
CA LYS A 402 -1.45 -3.42 -8.18
C LYS A 402 -1.27 -4.80 -7.55
N SER A 403 -1.94 -5.80 -8.11
CA SER A 403 -1.92 -7.17 -7.57
C SER A 403 -0.60 -7.92 -7.82
N ALA A 404 -0.36 -8.97 -7.03
CA ALA A 404 0.78 -9.83 -7.27
C ALA A 404 0.79 -10.37 -8.71
N GLU A 405 -0.38 -10.74 -9.21
CA GLU A 405 -0.45 -11.28 -10.55
C GLU A 405 -0.05 -10.23 -11.63
N GLU A 406 -0.37 -8.95 -11.39
CA GLU A 406 -0.02 -7.88 -12.35
C GLU A 406 1.40 -7.35 -12.19
N MET A 407 1.92 -7.38 -10.96
CA MET A 407 3.20 -6.75 -10.66
C MET A 407 4.37 -7.11 -11.59
N PRO A 408 4.54 -8.39 -12.01
CA PRO A 408 5.72 -8.61 -12.86
C PRO A 408 5.58 -8.17 -14.31
N TYR A 409 4.41 -7.59 -14.66
CA TYR A 409 4.16 -7.07 -16.05
C TYR A 409 3.94 -5.57 -16.12
N LEU A 410 4.13 -4.86 -15.01
CA LEU A 410 4.06 -3.40 -15.06
C LEU A 410 5.11 -2.89 -16.01
N LYS A 411 4.85 -1.74 -16.63
CA LYS A 411 5.74 -1.18 -17.62
C LYS A 411 6.55 -0.10 -16.98
N CYS A 412 7.84 -0.35 -16.84
CA CYS A 412 8.74 0.64 -16.28
CA CYS A 412 8.73 0.68 -16.32
C CYS A 412 9.91 0.81 -17.26
N PRO A 413 9.74 1.64 -18.30
CA PRO A 413 10.82 1.64 -19.28
C PRO A 413 12.02 2.49 -18.87
N LEU A 414 13.13 2.25 -19.57
CA LEU A 414 14.35 3.02 -19.42
C LEU A 414 14.13 4.53 -19.63
N HIS A 415 15.04 5.34 -19.12
CA HIS A 415 15.05 6.79 -19.33
C HIS A 415 13.78 7.56 -19.07
N THR A 416 13.00 7.15 -18.09
CA THR A 416 11.69 7.72 -17.86
C THR A 416 11.48 7.81 -16.37
N VAL A 417 11.16 9.01 -15.89
CA VAL A 417 10.88 9.19 -14.49
C VAL A 417 9.41 8.99 -14.25
N LEU A 418 9.06 8.31 -13.16
CA LEU A 418 7.69 8.24 -12.70
C LEU A 418 7.58 9.17 -11.51
N LYS A 419 6.69 10.14 -11.63
CA LYS A 419 6.51 11.12 -10.58
C LYS A 419 5.25 10.75 -9.84
N LEU A 420 5.39 10.44 -8.55
CA LEU A 420 4.26 10.06 -7.75
C LEU A 420 3.91 11.15 -6.77
N THR A 421 2.64 11.52 -6.77
CA THR A 421 2.15 12.47 -5.79
C THR A 421 1.09 11.80 -4.94
N PRO A 422 1.45 11.42 -3.70
CA PRO A 422 0.42 10.98 -2.76
C PRO A 422 -0.69 12.00 -2.75
N VAL A 423 -1.89 11.51 -3.01
CA VAL A 423 -3.13 12.23 -2.82
C VAL A 423 -3.87 11.41 -1.76
N ALA A 424 -5.00 11.93 -1.28
CA ALA A 424 -5.76 11.22 -0.28
C ALA A 424 -6.42 10.05 -0.99
N TYR A 425 -6.35 8.89 -0.33
CA TYR A 425 -6.88 7.62 -0.84
C TYR A 425 -6.07 7.00 -1.96
N GLY A 426 -4.88 7.51 -2.25
CA GLY A 426 -4.07 6.91 -3.31
C GLY A 426 -2.96 7.76 -3.90
N CYS A 427 -2.64 7.49 -5.15
CA CYS A 427 -1.41 8.02 -5.69
C CYS A 427 -1.56 8.44 -7.14
N ARG A 428 -1.24 9.71 -7.42
CA ARG A 428 -1.21 10.23 -8.79
C ARG A 428 0.14 9.85 -9.40
N VAL A 429 0.11 9.15 -10.53
CA VAL A 429 1.32 8.89 -11.28
C VAL A 429 1.38 9.69 -12.57
N GLU A 430 2.48 10.42 -12.74
CA GLU A 430 2.75 11.17 -13.94
C GLU A 430 4.06 10.60 -14.54
N SER A 431 4.07 10.31 -15.83
CA SER A 431 5.26 9.81 -16.51
C SER A 431 5.98 10.97 -17.22
N ILE A 432 7.31 10.98 -17.20
CA ILE A 432 8.09 12.05 -17.83
C ILE A 432 9.28 11.43 -18.55
N TYR A 433 9.17 11.21 -19.85
CA TYR A 433 10.29 10.69 -20.66
C TYR A 433 11.38 11.76 -20.84
N LEU A 434 12.65 11.43 -20.62
CA LEU A 434 13.68 12.48 -20.71
C LEU A 434 14.42 12.53 -22.06
N ASN A 435 13.81 11.95 -23.09
CA ASN A 435 14.27 12.15 -24.47
C ASN A 435 15.66 11.59 -24.76
N VAL A 436 15.94 10.40 -24.25
CA VAL A 436 17.19 9.74 -24.62
C VAL A 436 16.83 8.32 -24.95
N GLU A 437 17.25 7.91 -26.13
CA GLU A 437 16.92 6.60 -26.65
C GLU A 437 17.50 5.50 -25.76
N SER A 438 16.88 4.33 -25.78
CA SER A 438 17.39 3.18 -25.08
C SER A 438 16.73 1.95 -25.66
N VAL A 439 17.24 0.77 -25.34
CA VAL A 439 16.53 -0.45 -25.67
C VAL A 439 15.22 -0.54 -24.86
N CYS A 440 14.41 -1.55 -25.17
CA CYS A 440 13.20 -1.82 -24.44
C CYS A 440 13.37 -3.18 -23.80
N THR A 441 13.13 -3.27 -22.50
CA THR A 441 13.38 -4.54 -21.84
C THR A 441 12.07 -5.15 -21.43
N HIS A 442 10.97 -4.48 -21.78
CA HIS A 442 9.63 -5.02 -21.46
C HIS A 442 9.29 -6.30 -22.19
N ARG A 443 8.61 -7.22 -21.53
CA ARG A 443 8.24 -8.51 -22.14
C ARG A 443 6.83 -8.90 -21.73
N GLU A 444 5.92 -8.95 -22.70
CA GLU A 444 4.47 -9.24 -22.48
C GLU A 444 4.29 -10.67 -21.99
N ARG A 445 3.16 -10.95 -21.34
CA ARG A 445 2.82 -12.34 -21.03
C ARG A 445 2.53 -13.11 -22.32
S DMS B . -19.32 -8.89 -1.02
O DMS B . -18.18 -9.44 -0.21
C1 DMS B . -18.90 -7.37 -1.69
C2 DMS B . -19.66 -9.67 -2.53
O1 F6P C . 16.83 -6.38 -18.15
C1 F6P C . 16.95 -5.63 -16.95
C2 F6P C . 16.39 -6.44 -15.79
O2 F6P C . 16.42 -5.49 -14.73
C3 F6P C . 17.14 -7.75 -15.52
O3 F6P C . 18.31 -7.46 -14.75
C4 F6P C . 16.14 -8.57 -14.78
O4 F6P C . 16.38 -9.99 -14.83
C5 F6P C . 14.89 -8.24 -15.57
O5 F6P C . 15.04 -6.87 -15.95
C6 F6P C . 13.57 -8.45 -14.81
O6 F6P C . 12.55 -8.53 -15.80
P F6P C . 11.58 -9.82 -15.96
O1P F6P C . 12.55 -10.83 -16.51
O2P F6P C . 10.49 -9.30 -16.89
O3P F6P C . 11.01 -10.14 -14.59
F BWW D . -24.52 9.17 15.60
C13 BWW D . -24.62 7.90 15.99
C12 BWW D . -24.53 6.90 15.04
C14 BWW D . -24.82 7.57 17.33
C15 BWW D . -24.94 6.25 17.77
C16 BWW D . -24.85 5.19 16.86
O4 BWW D . -24.96 3.89 17.32
C11 BWW D . -24.65 5.56 15.42
C7 BWW D . -24.52 4.56 14.33
C6 BWW D . -23.24 4.39 13.79
C8 BWW D . -25.61 3.85 13.84
C9 BWW D . -25.38 2.94 12.81
C10 BWW D . -24.09 2.76 12.29
C5 BWW D . -22.98 3.48 12.76
S BWW D . -21.47 3.30 12.21
O2 BWW D . -20.60 3.05 13.32
O3 BWW D . -21.44 2.20 11.26
N BWW D . -20.95 4.63 11.45
C4 BWW D . -21.43 5.07 10.26
C3 BWW D . -20.54 5.79 9.46
C2 BWW D . -20.90 6.33 8.21
C17 BWW D . -22.75 4.87 9.82
C18 BWW D . -23.15 5.41 8.58
O5 BWW D . -24.41 5.29 8.07
C1 BWW D . -22.19 6.16 7.74
C BWW D . -22.68 6.72 6.43
O1 BWW D . -23.79 6.45 6.01
O BWW D . -21.93 7.56 5.73
PB ADP E . -13.09 9.66 7.69
O1B ADP E . -12.70 9.64 9.15
O2B ADP E . -13.03 8.30 7.02
O3B ADP E . -14.42 10.36 7.40
PA ADP E . -11.27 10.37 5.57
O1A ADP E . -10.35 9.16 5.59
O2A ADP E . -12.40 10.35 4.60
O3A ADP E . -11.88 10.58 7.07
O5' ADP E . -10.39 11.70 5.26
C5' ADP E . -9.14 11.66 4.56
C4' ADP E . -8.28 12.79 5.08
O4' ADP E . -7.78 12.48 6.38
C3' ADP E . -7.07 13.14 4.21
O3' ADP E . -7.10 14.56 3.96
C2' ADP E . -5.90 12.81 5.12
O2' ADP E . -4.80 13.69 4.93
C1' ADP E . -6.47 13.01 6.51
N9 ADP E . -5.75 12.26 7.56
C8 ADP E . -4.98 11.17 7.39
N7 ADP E . -4.48 10.74 8.58
C5 ADP E . -4.97 11.56 9.54
C6 ADP E . -4.87 11.68 11.02
N6 ADP E . -4.14 10.82 11.76
N1 ADP E . -5.54 12.69 11.62
C2 ADP E . -6.27 13.57 10.91
N3 ADP E . -6.41 13.50 9.57
C4 ADP E . -5.80 12.54 8.86
#